data_5C01
#
_entry.id   5C01
#
_cell.length_a   56.340
_cell.length_b   48.170
_cell.length_c   114.210
_cell.angle_alpha   90.000
_cell.angle_beta   93.280
_cell.angle_gamma   90.000
#
_symmetry.space_group_name_H-M   'P 1 21 1'
#
loop_
_entity.id
_entity.type
_entity.pdbx_description
1 polymer 'NON-RECEPTOR TYROSINE-PROTEIN KINASE TYK2'
2 non-polymer 'UNKNOWN LIGAND'
3 non-polymer 1,2-ETHANEDIOL
4 non-polymer GLYCEROL
5 water water
#
_entity_poly.entity_id   1
_entity_poly.type   'polypeptide(L)'
_entity_poly.pdbx_seq_one_letter_code
;MSYYHHHHHHDYDIPTTENLYFQGAMGETSNLIIMRGARASPRTLNLSQLSFHRVDQKEITQLSHLGQGTRTNVYEGRLR
VEGSGDPEEGKMDDEDPLVPGRDRGQELRVVLKVLDPSHHDIALAFYETASLMSQVSHTHLAFVHGVCVRGPENIMVTEY
VEHGPLDVWLRRERGHVPMAWKMVVAQQLASALSYLENKNLVHGNVCGRNILLARLGLAEGTSPFIKLSDPGVGLGALSR
EERVERIPWLAPECLPGGANSLSTAMDKWGFGATLLEICFDGEAPLQSRSPSEKEHFYQRQHRLPEPSCPQLATLTSQCL
TYEPTQRPSFRTILRDLTRLQP
;
_entity_poly.pdbx_strand_id   A,B
#
# COMPACT_ATOMS: atom_id res chain seq x y z
N SER A 51 33.25 11.63 -21.49
CA SER A 51 33.33 13.02 -22.04
C SER A 51 32.74 14.10 -21.12
N PHE A 52 33.48 14.48 -20.09
CA PHE A 52 33.10 15.56 -19.16
C PHE A 52 34.26 16.48 -18.81
N HIS A 53 33.92 17.66 -18.31
CA HIS A 53 34.92 18.64 -17.87
C HIS A 53 35.63 18.17 -16.60
N ARG A 54 36.96 18.12 -16.64
CA ARG A 54 37.76 17.86 -15.45
C ARG A 54 37.98 19.19 -14.73
N VAL A 55 37.56 19.26 -13.47
CA VAL A 55 37.69 20.44 -12.62
C VAL A 55 38.86 20.25 -11.66
N ASP A 56 39.86 21.13 -11.74
CA ASP A 56 41.03 21.05 -10.83
C ASP A 56 40.66 21.57 -9.44
N GLN A 57 41.21 20.92 -8.41
CA GLN A 57 40.84 21.20 -7.02
C GLN A 57 41.17 22.62 -6.53
N LYS A 58 42.20 23.26 -7.10
CA LYS A 58 42.47 24.69 -6.86
C LYS A 58 41.31 25.60 -7.27
N GLU A 59 40.54 25.19 -8.27
CA GLU A 59 39.45 26.01 -8.79
C GLU A 59 38.18 26.01 -7.89
N ILE A 60 38.09 25.11 -6.89
CA ILE A 60 36.90 25.04 -6.01
C ILE A 60 37.19 25.34 -4.53
N THR A 61 36.17 25.91 -3.88
CA THR A 61 36.14 26.15 -2.42
C THR A 61 34.91 25.45 -1.84
N GLN A 62 35.11 24.66 -0.79
CA GLN A 62 34.03 23.96 -0.09
C GLN A 62 33.52 24.76 1.12
N LEU A 63 32.21 24.99 1.19
CA LEU A 63 31.60 25.73 2.31
C LEU A 63 30.68 24.76 3.06
N SER A 64 29.49 25.16 3.47
CA SER A 64 28.73 24.33 4.45
C SER A 64 28.03 23.11 3.87
N HIS A 65 27.80 22.13 4.73
CA HIS A 65 27.09 20.91 4.42
C HIS A 65 25.58 21.19 4.34
N LEU A 66 24.98 20.86 3.20
CA LEU A 66 23.54 21.03 2.97
C LEU A 66 22.72 19.76 3.26
N GLY A 67 23.28 18.59 2.96
CA GLY A 67 22.60 17.32 3.20
C GLY A 67 23.27 16.13 2.54
N GLN A 68 22.56 15.01 2.53
CA GLN A 68 23.01 13.76 1.92
C GLN A 68 22.11 13.33 0.78
N GLY A 69 22.66 13.17 -0.41
CA GLY A 69 21.95 12.56 -1.55
C GLY A 69 22.23 11.08 -1.60
N THR A 70 21.85 10.43 -2.69
CA THR A 70 22.08 9.00 -2.89
C THR A 70 23.58 8.74 -3.01
N ARG A 71 24.17 8.21 -1.94
CA ARG A 71 25.61 7.92 -1.87
C ARG A 71 26.50 9.16 -1.99
N THR A 72 26.02 10.30 -1.50
CA THR A 72 26.75 11.56 -1.56
C THR A 72 26.61 12.40 -0.28
N ASN A 73 27.60 13.23 -0.04
CA ASN A 73 27.47 14.37 0.87
C ASN A 73 27.52 15.66 0.05
N VAL A 74 26.54 16.53 0.25
CA VAL A 74 26.33 17.72 -0.59
C VAL A 74 26.73 18.99 0.17
N TYR A 75 27.62 19.79 -0.44
CA TYR A 75 28.08 21.04 0.17
C TYR A 75 27.83 22.23 -0.75
N GLU A 76 27.62 23.40 -0.17
CA GLU A 76 27.67 24.65 -0.93
C GLU A 76 29.13 24.93 -1.28
N GLY A 77 29.37 25.58 -2.42
CA GLY A 77 30.71 25.96 -2.82
C GLY A 77 30.80 27.08 -3.83
N ARG A 78 32.04 27.33 -4.26
CA ARG A 78 32.40 28.34 -5.28
C ARG A 78 33.32 27.71 -6.33
N LEU A 79 33.19 28.17 -7.57
CA LEU A 79 33.98 27.65 -8.69
C LEU A 79 34.54 28.83 -9.49
N ARG A 80 35.87 28.93 -9.54
CA ARG A 80 36.56 30.01 -10.28
C ARG A 80 36.86 29.57 -11.72
N GLU A 107 33.58 34.24 -10.37
CA GLU A 107 33.31 32.89 -9.87
C GLU A 107 31.80 32.53 -9.83
N LEU A 108 31.51 31.24 -9.95
CA LEU A 108 30.14 30.71 -9.95
C LEU A 108 29.77 30.14 -8.60
N ARG A 109 28.50 30.25 -8.27
CA ARG A 109 27.94 29.64 -7.07
C ARG A 109 27.53 28.23 -7.47
N VAL A 110 28.03 27.22 -6.72
CA VAL A 110 27.82 25.83 -7.03
C VAL A 110 27.48 24.97 -5.81
N VAL A 111 27.07 23.74 -6.11
CA VAL A 111 26.96 22.69 -5.13
C VAL A 111 28.05 21.64 -5.46
N LEU A 112 28.63 21.04 -4.42
CA LEU A 112 29.68 20.03 -4.55
C LEU A 112 29.14 18.71 -4.00
N LYS A 113 29.02 17.71 -4.87
CA LYS A 113 28.43 16.42 -4.53
C LYS A 113 29.54 15.38 -4.39
N VAL A 114 29.94 15.13 -3.14
CA VAL A 114 31.10 14.28 -2.81
C VAL A 114 30.64 12.84 -2.67
N LEU A 115 31.09 11.97 -3.58
CA LEU A 115 30.68 10.56 -3.59
C LEU A 115 31.25 9.81 -2.37
N ASP A 116 30.49 8.83 -1.86
CA ASP A 116 30.98 7.93 -0.80
C ASP A 116 32.18 7.10 -1.33
N PRO A 117 33.03 6.56 -0.43
CA PRO A 117 33.96 5.50 -0.89
C PRO A 117 33.17 4.36 -1.55
N SER A 118 33.49 4.07 -2.80
CA SER A 118 32.62 3.24 -3.65
C SER A 118 33.41 2.28 -4.52
N HIS A 119 32.75 1.22 -4.94
CA HIS A 119 33.25 0.33 -5.99
C HIS A 119 33.31 1.11 -7.29
N HIS A 120 34.25 0.74 -8.15
CA HIS A 120 34.52 1.49 -9.38
C HIS A 120 33.30 1.66 -10.29
N ASP A 121 32.38 0.69 -10.27
CA ASP A 121 31.13 0.75 -11.05
C ASP A 121 30.15 1.86 -10.63
N ILE A 122 30.16 2.21 -9.35
CA ILE A 122 29.36 3.32 -8.84
C ILE A 122 29.99 4.62 -9.32
N ALA A 123 31.32 4.72 -9.20
CA ALA A 123 32.04 5.88 -9.72
C ALA A 123 31.82 6.06 -11.22
N LEU A 124 31.85 4.98 -11.99
CA LEU A 124 31.56 5.05 -13.44
C LEU A 124 30.17 5.62 -13.75
N ALA A 125 29.17 5.13 -13.03
CA ALA A 125 27.79 5.61 -13.15
C ALA A 125 27.66 7.10 -12.79
N PHE A 126 28.36 7.52 -11.73
CA PHE A 126 28.48 8.95 -11.36
C PHE A 126 29.07 9.78 -12.51
N TYR A 127 30.19 9.32 -13.08
CA TYR A 127 30.79 9.99 -14.25
C TYR A 127 29.85 10.01 -15.46
N GLU A 128 29.12 8.92 -15.66
CA GLU A 128 28.18 8.82 -16.77
C GLU A 128 27.08 9.90 -16.67
N THR A 129 26.51 10.10 -15.49
CA THR A 129 25.54 11.18 -15.31
C THR A 129 26.12 12.54 -15.69
N ALA A 130 27.33 12.84 -15.21
CA ALA A 130 27.99 14.12 -15.50
C ALA A 130 28.23 14.31 -16.98
N SER A 131 28.62 13.23 -17.66
CA SER A 131 28.86 13.23 -19.10
C SER A 131 27.60 13.51 -19.91
N LEU A 132 26.53 12.78 -19.63
CA LEU A 132 25.24 12.97 -20.34
C LEU A 132 24.60 14.35 -20.10
N MET A 133 24.52 14.78 -18.84
CA MET A 133 23.98 16.11 -18.51
C MET A 133 24.88 17.30 -18.91
N SER A 134 26.13 17.04 -19.29
CA SER A 134 27.01 18.07 -19.87
C SER A 134 26.71 18.40 -21.34
N GLN A 135 26.05 17.50 -22.05
CA GLN A 135 25.81 17.65 -23.49
C GLN A 135 24.34 17.93 -23.83
N VAL A 136 23.57 18.41 -22.86
CA VAL A 136 22.20 18.87 -23.09
C VAL A 136 22.04 20.27 -22.50
N SER A 137 21.08 21.05 -23.00
CA SER A 137 20.79 22.40 -22.51
C SER A 137 19.29 22.63 -22.49
N HIS A 138 18.81 23.33 -21.47
CA HIS A 138 17.38 23.69 -21.34
C HIS A 138 17.25 24.76 -20.25
N THR A 139 16.34 25.72 -20.43
CA THR A 139 16.08 26.76 -19.43
C THR A 139 15.74 26.22 -18.03
N HIS A 140 15.04 25.10 -18.00
CA HIS A 140 14.64 24.38 -16.79
C HIS A 140 15.43 23.10 -16.47
N LEU A 141 16.67 23.00 -16.94
CA LEU A 141 17.63 21.96 -16.47
C LEU A 141 18.83 22.66 -15.84
N ALA A 142 19.17 22.30 -14.61
CA ALA A 142 20.30 22.93 -13.90
C ALA A 142 21.62 22.48 -14.50
N PHE A 143 22.63 23.36 -14.47
CA PHE A 143 23.90 23.12 -15.16
C PHE A 143 24.71 22.04 -14.43
N VAL A 144 25.48 21.27 -15.20
CA VAL A 144 26.54 20.43 -14.67
C VAL A 144 27.86 21.00 -15.21
N HIS A 145 28.75 21.39 -14.30
CA HIS A 145 30.04 22.01 -14.65
C HIS A 145 31.19 21.02 -14.89
N GLY A 146 31.14 19.86 -14.22
CA GLY A 146 32.18 18.85 -14.35
C GLY A 146 32.40 18.02 -13.08
N VAL A 147 33.48 17.25 -13.09
CA VAL A 147 33.86 16.39 -11.95
C VAL A 147 35.32 16.67 -11.56
N CYS A 148 35.58 16.74 -10.26
CA CYS A 148 36.92 16.86 -9.71
C CYS A 148 37.33 15.51 -9.09
N VAL A 149 38.47 14.98 -9.51
CA VAL A 149 38.94 13.66 -9.10
C VAL A 149 40.22 13.78 -8.25
N ARG A 150 40.05 14.00 -6.95
CA ARG A 150 41.16 14.23 -6.00
C ARG A 150 41.98 12.98 -5.62
N GLY A 151 41.47 11.78 -5.86
CA GLY A 151 42.17 10.56 -5.48
C GLY A 151 41.95 10.26 -3.99
N PRO A 152 41.15 9.25 -3.64
CA PRO A 152 40.17 8.58 -4.52
C PRO A 152 38.79 9.23 -4.37
N GLU A 153 38.77 10.53 -4.07
CA GLU A 153 37.52 11.27 -3.94
C GLU A 153 37.02 11.74 -5.31
N ASN A 154 35.72 11.60 -5.52
CA ASN A 154 35.03 12.02 -6.73
C ASN A 154 33.95 13.05 -6.35
N ILE A 155 34.00 14.22 -6.99
CA ILE A 155 33.14 15.35 -6.65
C ILE A 155 32.51 15.93 -7.92
N MET A 156 31.19 15.78 -8.07
CA MET A 156 30.47 16.45 -9.16
C MET A 156 30.19 17.90 -8.74
N VAL A 157 30.42 18.82 -9.69
CA VAL A 157 30.23 20.26 -9.49
C VAL A 157 29.07 20.71 -10.38
N THR A 158 28.01 21.22 -9.74
CA THR A 158 26.76 21.56 -10.42
C THR A 158 26.18 22.90 -9.91
N GLU A 159 25.20 23.43 -10.64
CA GLU A 159 24.61 24.76 -10.34
C GLU A 159 23.98 24.84 -8.93
N TYR A 160 24.30 25.91 -8.18
CA TYR A 160 23.54 26.25 -6.97
C TYR A 160 22.33 27.06 -7.42
N VAL A 161 21.13 26.52 -7.22
CA VAL A 161 19.91 27.24 -7.56
C VAL A 161 19.39 27.94 -6.29
N GLU A 162 19.23 29.26 -6.39
CA GLU A 162 19.14 30.18 -5.22
C GLU A 162 18.28 29.72 -4.04
N HIS A 163 17.04 29.32 -4.28
CA HIS A 163 16.08 29.01 -3.20
C HIS A 163 15.95 27.53 -2.86
N GLY A 164 16.77 26.68 -3.48
CA GLY A 164 16.88 25.29 -3.07
C GLY A 164 15.73 24.36 -3.44
N PRO A 165 15.65 23.19 -2.77
CA PRO A 165 14.69 22.12 -3.13
C PRO A 165 13.23 22.49 -2.87
N LEU A 166 12.37 22.08 -3.81
CA LEU A 166 10.94 22.41 -3.82
C LEU A 166 10.23 21.74 -2.65
N ASP A 167 10.60 20.49 -2.36
CA ASP A 167 9.96 19.75 -1.29
C ASP A 167 10.11 20.43 0.08
N VAL A 168 11.33 20.89 0.42
CA VAL A 168 11.55 21.56 1.73
C VAL A 168 10.84 22.93 1.78
N TRP A 169 10.88 23.67 0.68
CA TRP A 169 10.23 24.97 0.58
C TRP A 169 8.72 24.85 0.76
N LEU A 170 8.08 23.91 0.05
CA LEU A 170 6.64 23.68 0.16
C LEU A 170 6.20 23.33 1.58
N ARG A 171 6.98 22.47 2.25
CA ARG A 171 6.65 22.07 3.62
C ARG A 171 6.74 23.26 4.57
N ARG A 172 7.75 24.12 4.41
CA ARG A 172 7.86 25.34 5.22
C ARG A 172 6.75 26.34 4.93
N GLU A 173 6.38 26.48 3.65
CA GLU A 173 5.36 27.44 3.22
C GLU A 173 3.93 26.87 3.05
N ARG A 174 3.67 25.65 3.55
CA ARG A 174 2.38 24.96 3.29
C ARG A 174 1.14 25.77 3.72
N GLY A 175 0.08 25.69 2.91
CA GLY A 175 -1.12 26.52 3.09
C GLY A 175 -1.01 27.98 2.64
N HIS A 176 0.09 28.35 1.99
CA HIS A 176 0.24 29.69 1.38
C HIS A 176 0.48 29.65 -0.13
N VAL A 177 0.45 28.46 -0.73
CA VAL A 177 0.78 28.29 -2.15
C VAL A 177 -0.50 28.02 -2.92
N PRO A 178 -0.87 28.95 -3.82
CA PRO A 178 -2.10 28.73 -4.57
C PRO A 178 -1.94 27.70 -5.66
N MET A 179 -3.07 27.21 -6.15
CA MET A 179 -3.16 26.24 -7.25
C MET A 179 -2.49 26.73 -8.55
N ALA A 180 -2.70 28.01 -8.88
CA ALA A 180 -2.18 28.59 -10.13
C ALA A 180 -0.65 28.56 -10.20
N TRP A 181 -0.02 28.76 -9.04
CA TRP A 181 1.42 28.64 -8.86
C TRP A 181 1.90 27.23 -9.22
N LYS A 182 1.22 26.24 -8.67
CA LYS A 182 1.55 24.83 -8.93
C LYS A 182 1.37 24.42 -10.40
N MET A 183 0.38 24.98 -11.10
CA MET A 183 0.22 24.77 -12.55
C MET A 183 1.39 25.29 -13.38
N VAL A 184 1.95 26.42 -12.96
CA VAL A 184 3.11 27.00 -13.65
C VAL A 184 4.33 26.05 -13.52
N VAL A 185 4.63 25.56 -12.32
CA VAL A 185 5.83 24.67 -12.18
C VAL A 185 5.64 23.32 -12.90
N ALA A 186 4.41 22.82 -12.95
CA ALA A 186 4.10 21.59 -13.68
C ALA A 186 4.38 21.75 -15.16
N GLN A 187 3.92 22.86 -15.73
CA GLN A 187 4.21 23.20 -17.12
C GLN A 187 5.72 23.28 -17.40
N GLN A 188 6.46 23.95 -16.50
CA GLN A 188 7.93 24.09 -16.67
C GLN A 188 8.65 22.74 -16.60
N LEU A 189 8.23 21.90 -15.66
CA LEU A 189 8.80 20.56 -15.52
C LEU A 189 8.51 19.70 -16.74
N ALA A 190 7.27 19.75 -17.23
CA ALA A 190 6.89 19.00 -18.45
C ALA A 190 7.64 19.47 -19.70
N SER A 191 7.98 20.74 -19.76
CA SER A 191 8.79 21.29 -20.87
C SER A 191 10.18 20.64 -20.90
N ALA A 192 10.91 20.70 -19.79
CA ALA A 192 12.23 20.02 -19.67
C ALA A 192 12.18 18.53 -20.03
N LEU A 193 11.16 17.82 -19.54
CA LEU A 193 11.00 16.37 -19.82
C LEU A 193 10.54 16.07 -21.24
N SER A 194 9.89 17.03 -21.88
CA SER A 194 9.60 16.96 -23.32
C SER A 194 10.89 16.94 -24.17
N TYR A 195 11.84 17.80 -23.80
CA TYR A 195 13.14 17.85 -24.48
C TYR A 195 13.95 16.55 -24.27
N LEU A 196 14.04 16.09 -23.03
CA LEU A 196 14.71 14.80 -22.74
C LEU A 196 14.08 13.61 -23.47
N GLU A 197 12.75 13.61 -23.58
CA GLU A 197 12.05 12.60 -24.37
C GLU A 197 12.49 12.67 -25.83
N ASN A 198 12.45 13.87 -26.40
CA ASN A 198 12.92 14.11 -27.77
C ASN A 198 14.38 13.67 -28.00
N LYS A 199 15.22 13.86 -26.99
CA LYS A 199 16.63 13.41 -27.01
C LYS A 199 16.83 11.91 -26.69
N ASN A 200 15.76 11.24 -26.27
CA ASN A 200 15.78 9.84 -25.85
C ASN A 200 16.79 9.58 -24.73
N LEU A 201 16.80 10.47 -23.75
CA LEU A 201 17.70 10.38 -22.61
C LEU A 201 16.89 10.17 -21.35
N VAL A 202 17.20 9.11 -20.62
CA VAL A 202 16.51 8.79 -19.37
C VAL A 202 17.03 9.73 -18.26
N HIS A 203 16.12 10.25 -17.44
CA HIS A 203 16.51 10.93 -16.19
C HIS A 203 16.63 9.93 -15.00
N GLY A 204 15.51 9.36 -14.58
CA GLY A 204 15.51 8.28 -13.56
C GLY A 204 15.44 8.68 -12.09
N ASN A 205 15.25 9.97 -11.83
CA ASN A 205 15.22 10.51 -10.47
C ASN A 205 14.41 11.81 -10.40
N VAL A 206 13.24 11.81 -11.06
CA VAL A 206 12.33 12.93 -11.01
C VAL A 206 11.56 12.88 -9.67
N CYS A 207 11.78 13.91 -8.86
CA CYS A 207 11.21 14.05 -7.52
C CYS A 207 11.36 15.48 -7.01
N GLY A 208 10.64 15.82 -5.93
CA GLY A 208 10.64 17.14 -5.33
C GLY A 208 12.01 17.63 -4.90
N ARG A 209 12.81 16.71 -4.35
CA ARG A 209 14.19 16.97 -3.94
C ARG A 209 15.08 17.49 -5.08
N ASN A 210 14.81 17.04 -6.30
CA ASN A 210 15.58 17.45 -7.47
C ASN A 210 14.93 18.55 -8.30
N ILE A 211 13.82 19.14 -7.84
CA ILE A 211 13.25 20.36 -8.46
C ILE A 211 13.74 21.53 -7.61
N LEU A 212 14.42 22.49 -8.23
CA LEU A 212 15.06 23.57 -7.51
C LEU A 212 14.43 24.92 -7.87
N LEU A 213 14.20 25.78 -6.86
CA LEU A 213 13.52 27.07 -7.06
C LEU A 213 14.49 28.22 -7.35
N ALA A 214 14.47 28.72 -8.58
CA ALA A 214 15.28 29.87 -9.00
C ALA A 214 14.59 31.21 -8.71
N ARG A 215 13.27 31.24 -8.88
CA ARG A 215 12.42 32.40 -8.51
C ARG A 215 11.22 31.90 -7.70
N LEU A 216 10.87 32.63 -6.65
CA LEU A 216 9.79 32.25 -5.71
C LEU A 216 8.40 32.42 -6.31
N GLY A 217 8.15 33.57 -6.91
CA GLY A 217 6.90 33.80 -7.64
C GLY A 217 5.61 33.93 -6.83
N LEU A 218 5.71 34.21 -5.52
CA LEU A 218 4.50 34.40 -4.69
C LEU A 218 4.06 35.88 -4.65
N ALA A 219 5.02 36.80 -4.69
CA ALA A 219 4.72 38.24 -4.67
C ALA A 219 3.84 38.63 -5.86
N GLU A 220 3.02 39.65 -5.65
CA GLU A 220 2.14 40.18 -6.70
C GLU A 220 2.98 40.69 -7.87
N GLY A 221 2.58 40.32 -9.09
CA GLY A 221 3.32 40.64 -10.30
C GLY A 221 4.42 39.67 -10.71
N THR A 222 4.59 38.56 -9.98
CA THR A 222 5.65 37.56 -10.28
C THR A 222 5.10 36.14 -10.46
N SER A 223 5.94 35.31 -11.06
CA SER A 223 5.65 33.88 -11.25
C SER A 223 6.93 33.08 -10.98
N PRO A 224 6.76 31.83 -10.52
CA PRO A 224 7.92 31.02 -10.13
C PRO A 224 8.72 30.50 -11.34
N PHE A 225 9.93 30.03 -11.05
CA PHE A 225 10.81 29.46 -12.06
C PHE A 225 11.59 28.33 -11.40
N ILE A 226 11.50 27.13 -11.97
CA ILE A 226 12.20 25.96 -11.43
C ILE A 226 13.26 25.44 -12.38
N LYS A 227 14.18 24.64 -11.82
CA LYS A 227 15.18 23.91 -12.58
C LYS A 227 15.26 22.48 -12.06
N LEU A 228 15.22 21.50 -12.96
CA LEU A 228 15.37 20.10 -12.64
C LEU A 228 16.86 19.79 -12.57
N SER A 229 17.33 19.23 -11.45
CA SER A 229 18.76 18.91 -11.30
C SER A 229 19.09 17.62 -12.02
N ASP A 230 20.38 17.34 -12.17
CA ASP A 230 20.86 16.04 -12.67
C ASP A 230 20.37 14.90 -11.73
N PRO A 231 20.32 13.64 -12.22
CA PRO A 231 19.88 12.52 -11.39
C PRO A 231 20.90 11.95 -10.38
N GLY A 232 22.12 12.47 -10.31
CA GLY A 232 23.15 11.91 -9.42
C GLY A 232 23.65 10.56 -9.93
N VAL A 233 23.96 9.64 -9.01
CA VAL A 233 24.39 8.29 -9.38
C VAL A 233 23.26 7.64 -10.19
N GLY A 234 23.57 7.15 -11.40
CA GLY A 234 22.56 6.57 -12.29
C GLY A 234 21.77 5.42 -11.69
N LEU A 235 20.46 5.39 -11.99
CA LEU A 235 19.52 4.44 -11.40
C LEU A 235 19.93 3.00 -11.66
N GLY A 236 20.44 2.75 -12.87
CA GLY A 236 20.88 1.42 -13.29
C GLY A 236 21.86 0.72 -12.35
N ALA A 237 22.63 1.50 -11.59
CA ALA A 237 23.64 0.96 -10.67
C ALA A 237 23.21 0.79 -9.22
N LEU A 238 22.05 1.30 -8.83
CA LEU A 238 21.64 1.24 -7.43
C LEU A 238 21.15 -0.17 -7.02
N SER A 239 21.13 -0.40 -5.71
CA SER A 239 20.65 -1.65 -5.14
C SER A 239 19.12 -1.69 -5.09
N ARG A 240 18.56 -2.90 -4.99
CA ARG A 240 17.10 -3.08 -4.87
C ARG A 240 16.54 -2.33 -3.68
N GLU A 241 17.26 -2.36 -2.56
CA GLU A 241 16.91 -1.60 -1.35
C GLU A 241 16.77 -0.09 -1.63
N GLU A 242 17.73 0.47 -2.36
CA GLU A 242 17.67 1.89 -2.71
C GLU A 242 16.49 2.20 -3.64
N ARG A 243 16.22 1.29 -4.58
CA ARG A 243 15.05 1.42 -5.46
C ARG A 243 13.71 1.41 -4.69
N VAL A 244 13.62 0.58 -3.65
CA VAL A 244 12.42 0.53 -2.80
C VAL A 244 12.20 1.84 -2.07
N GLU A 245 13.26 2.45 -1.53
CA GLU A 245 13.14 3.76 -0.88
C GLU A 245 12.65 4.89 -1.81
N ARG A 246 12.86 4.76 -3.11
CA ARG A 246 12.40 5.75 -4.09
C ARG A 246 10.94 5.57 -4.51
N ILE A 247 10.25 4.58 -3.96
CA ILE A 247 8.79 4.47 -4.10
C ILE A 247 8.17 5.68 -3.36
N PRO A 248 7.21 6.41 -3.94
CA PRO A 248 6.51 6.08 -5.21
C PRO A 248 6.97 6.87 -6.44
N TRP A 249 8.15 7.48 -6.40
CA TRP A 249 8.71 8.16 -7.57
C TRP A 249 9.22 7.14 -8.59
N LEU A 250 9.73 6.02 -8.09
CA LEU A 250 10.23 4.90 -8.91
C LEU A 250 9.12 4.24 -9.71
N ALA A 251 9.34 4.09 -11.01
CA ALA A 251 8.41 3.36 -11.88
C ALA A 251 8.36 1.89 -11.46
N PRO A 252 7.17 1.28 -11.41
CA PRO A 252 7.06 -0.11 -10.92
C PRO A 252 7.85 -1.12 -11.74
N GLU A 253 7.89 -0.94 -13.07
CA GLU A 253 8.68 -1.81 -13.94
C GLU A 253 10.20 -1.76 -13.65
N CYS A 254 10.64 -0.76 -12.87
CA CYS A 254 12.03 -0.68 -12.43
C CYS A 254 12.32 -1.35 -11.08
N LEU A 255 11.30 -1.90 -10.41
CA LEU A 255 11.53 -2.61 -9.14
C LEU A 255 12.33 -3.93 -9.28
N PRO A 256 11.94 -4.85 -10.19
CA PRO A 256 12.71 -6.11 -10.31
C PRO A 256 14.20 -5.94 -10.68
N LEU A 262 16.58 0.35 -19.56
CA LEU A 262 16.10 1.65 -19.12
C LEU A 262 15.35 2.35 -20.25
N SER A 263 14.10 2.74 -19.99
CA SER A 263 13.28 3.46 -20.97
C SER A 263 12.85 4.83 -20.44
N THR A 264 12.64 5.76 -21.37
CA THR A 264 12.18 7.13 -21.09
C THR A 264 10.76 7.13 -20.46
N ALA A 265 9.99 6.06 -20.72
CA ALA A 265 8.69 5.84 -20.08
C ALA A 265 8.66 5.94 -18.55
N MET A 266 9.74 5.56 -17.87
CA MET A 266 9.81 5.67 -16.40
C MET A 266 9.62 7.10 -15.87
N ASP A 267 10.06 8.08 -16.65
CA ASP A 267 10.01 9.46 -16.26
C ASP A 267 8.60 10.03 -16.26
N LYS A 268 7.71 9.41 -17.03
CA LYS A 268 6.27 9.74 -16.96
C LYS A 268 5.69 9.43 -15.58
N TRP A 269 6.01 8.26 -15.05
CA TRP A 269 5.58 7.88 -13.69
C TRP A 269 6.20 8.84 -12.66
N GLY A 270 7.50 9.05 -12.75
CA GLY A 270 8.19 9.97 -11.83
C GLY A 270 7.52 11.33 -11.81
N PHE A 271 7.22 11.84 -13.01
CA PHE A 271 6.50 13.10 -13.17
C PHE A 271 5.15 13.09 -12.47
N GLY A 272 4.39 12.03 -12.69
CA GLY A 272 3.10 11.86 -12.03
C GLY A 272 3.17 11.84 -10.50
N ALA A 273 4.17 11.12 -9.98
CA ALA A 273 4.40 11.07 -8.53
C ALA A 273 4.78 12.44 -7.96
N THR A 274 5.62 13.16 -8.69
CA THR A 274 6.04 14.50 -8.31
C THR A 274 4.87 15.49 -8.26
N LEU A 275 3.92 15.36 -9.18
CA LEU A 275 2.69 16.19 -9.17
C LEU A 275 1.83 15.97 -7.89
N LEU A 276 1.69 14.72 -7.47
CA LEU A 276 1.04 14.41 -6.18
C LEU A 276 1.78 15.09 -5.03
N GLU A 277 3.11 14.94 -5.02
CA GLU A 277 3.98 15.55 -4.00
C GLU A 277 3.76 17.05 -3.89
N ILE A 278 3.72 17.72 -5.05
CA ILE A 278 3.51 19.18 -5.09
C ILE A 278 2.12 19.56 -4.59
N CYS A 279 1.11 18.85 -5.09
CA CYS A 279 -0.27 19.04 -4.66
C CYS A 279 -0.49 18.85 -3.17
N PHE A 280 0.20 17.90 -2.56
CA PHE A 280 0.14 17.69 -1.12
C PHE A 280 1.17 18.53 -0.32
N ASP A 281 1.63 19.65 -0.86
CA ASP A 281 2.54 20.58 -0.16
C ASP A 281 3.84 19.90 0.32
N GLY A 282 4.42 19.10 -0.55
CA GLY A 282 5.69 18.41 -0.29
C GLY A 282 5.61 17.16 0.57
N GLU A 283 4.42 16.59 0.77
CA GLU A 283 4.24 15.28 1.42
C GLU A 283 3.87 14.23 0.37
N ALA A 284 4.84 13.46 -0.11
CA ALA A 284 4.53 12.39 -1.06
C ALA A 284 3.69 11.27 -0.41
N PRO A 285 2.81 10.62 -1.19
CA PRO A 285 2.10 9.47 -0.63
C PRO A 285 3.04 8.30 -0.28
N LEU A 286 2.66 7.50 0.70
CA LEU A 286 3.43 6.33 1.16
C LEU A 286 4.75 6.60 1.92
N GLN A 287 5.05 7.85 2.25
CA GLN A 287 6.35 8.16 2.89
C GLN A 287 6.40 7.93 4.40
N SER A 288 5.24 7.77 5.04
CA SER A 288 5.17 7.34 6.45
C SER A 288 5.28 5.81 6.65
N ARG A 289 5.47 5.05 5.57
CA ARG A 289 5.47 3.58 5.62
C ARG A 289 6.87 3.03 5.51
N SER A 290 7.03 1.80 6.00
CA SER A 290 8.32 1.11 5.94
C SER A 290 8.64 0.68 4.50
N PRO A 291 9.92 0.34 4.23
CA PRO A 291 10.30 -0.20 2.91
C PRO A 291 9.52 -1.44 2.47
N SER A 292 9.28 -2.40 3.37
CA SER A 292 8.55 -3.62 2.99
C SER A 292 7.10 -3.31 2.62
N GLU A 293 6.47 -2.38 3.33
CA GLU A 293 5.12 -1.94 2.97
C GLU A 293 5.03 -1.12 1.67
N LYS A 294 6.07 -0.33 1.36
CA LYS A 294 6.17 0.34 0.05
C LYS A 294 6.24 -0.67 -1.09
N GLU A 295 7.08 -1.68 -0.91
CA GLU A 295 7.23 -2.76 -1.88
C GLU A 295 5.94 -3.54 -2.09
N HIS A 296 5.28 -3.89 -0.99
CA HIS A 296 4.01 -4.64 -1.02
C HIS A 296 2.92 -3.91 -1.82
N PHE A 297 2.80 -2.59 -1.62
CA PHE A 297 1.88 -1.72 -2.39
C PHE A 297 2.04 -1.91 -3.91
N TYR A 298 3.29 -1.89 -4.38
CA TYR A 298 3.61 -2.16 -5.78
C TYR A 298 3.32 -3.63 -6.22
N GLN A 299 3.57 -4.59 -5.32
CA GLN A 299 3.30 -6.02 -5.56
C GLN A 299 1.83 -6.28 -5.89
N ARG A 300 0.94 -5.71 -5.06
CA ARG A 300 -0.50 -5.78 -5.25
C ARG A 300 -1.00 -4.87 -6.40
N GLN A 301 -0.17 -3.89 -6.78
CA GLN A 301 -0.49 -2.91 -7.85
C GLN A 301 -1.68 -1.99 -7.49
N HIS A 302 -1.71 -1.52 -6.24
CA HIS A 302 -2.74 -0.58 -5.81
C HIS A 302 -2.58 0.76 -6.53
N ARG A 303 -3.69 1.46 -6.73
CA ARG A 303 -3.66 2.74 -7.42
C ARG A 303 -3.36 3.84 -6.41
N LEU A 304 -2.46 4.75 -6.77
CA LEU A 304 -2.09 5.88 -5.91
C LEU A 304 -3.26 6.86 -5.83
N PRO A 305 -3.31 7.68 -4.76
CA PRO A 305 -4.42 8.63 -4.63
C PRO A 305 -4.47 9.69 -5.75
N GLU A 306 -5.67 10.24 -5.95
CA GLU A 306 -5.88 11.30 -6.95
C GLU A 306 -5.64 12.65 -6.28
N PRO A 307 -5.04 13.61 -7.02
CA PRO A 307 -4.52 14.85 -6.42
C PRO A 307 -5.54 15.80 -5.80
N SER A 308 -5.08 16.60 -4.83
CA SER A 308 -5.88 17.65 -4.19
C SER A 308 -6.04 18.85 -5.13
N CYS A 309 -5.09 19.01 -6.06
CA CYS A 309 -5.25 19.85 -7.25
C CYS A 309 -6.30 19.20 -8.18
N PRO A 310 -7.59 19.59 -8.09
CA PRO A 310 -8.65 18.80 -8.75
C PRO A 310 -8.60 18.71 -10.28
N GLN A 311 -8.06 19.74 -10.93
CA GLN A 311 -7.88 19.75 -12.40
C GLN A 311 -6.96 18.61 -12.91
N LEU A 312 -5.89 18.35 -12.15
CA LEU A 312 -4.84 17.38 -12.53
C LEU A 312 -5.19 15.87 -12.51
N ALA A 313 -6.35 15.49 -11.97
CA ALA A 313 -6.63 14.07 -11.67
C ALA A 313 -6.57 13.12 -12.85
N THR A 314 -7.12 13.51 -14.00
CA THR A 314 -7.11 12.62 -15.17
C THR A 314 -5.66 12.40 -15.61
N LEU A 315 -4.87 13.48 -15.60
CA LEU A 315 -3.47 13.46 -16.03
C LEU A 315 -2.55 12.62 -15.12
N THR A 316 -2.65 12.81 -13.81
CA THR A 316 -1.81 12.04 -12.87
C THR A 316 -2.12 10.55 -12.95
N SER A 317 -3.39 10.20 -13.11
CA SER A 317 -3.78 8.78 -13.20
C SER A 317 -3.27 8.14 -14.49
N GLN A 318 -3.33 8.89 -15.60
CA GLN A 318 -2.73 8.45 -16.88
C GLN A 318 -1.20 8.23 -16.80
N CYS A 319 -0.51 9.11 -16.07
CA CYS A 319 0.93 8.98 -15.88
C CYS A 319 1.25 7.80 -14.95
N LEU A 320 0.45 7.65 -13.89
CA LEU A 320 0.66 6.60 -12.89
C LEU A 320 -0.11 5.31 -13.21
N THR A 321 0.05 4.79 -14.43
CA THR A 321 -0.52 3.49 -14.83
C THR A 321 0.62 2.50 -14.91
N TYR A 322 0.41 1.31 -14.34
CA TYR A 322 1.46 0.31 -14.16
C TYR A 322 2.08 -0.16 -15.48
N GLU A 323 1.26 -0.26 -16.53
CA GLU A 323 1.74 -0.63 -17.86
C GLU A 323 2.43 0.57 -18.56
N PRO A 324 3.77 0.51 -18.78
CA PRO A 324 4.49 1.70 -19.27
C PRO A 324 4.01 2.25 -20.62
N THR A 325 3.70 1.35 -21.56
CA THR A 325 3.22 1.74 -22.90
C THR A 325 1.87 2.51 -22.95
N GLN A 326 1.07 2.41 -21.88
CA GLN A 326 -0.18 3.17 -21.75
C GLN A 326 -0.02 4.64 -21.33
N ARG A 327 1.16 5.00 -20.82
CA ARG A 327 1.40 6.37 -20.34
C ARG A 327 1.57 7.34 -21.52
N PRO A 328 0.94 8.53 -21.45
CA PRO A 328 1.00 9.46 -22.56
C PRO A 328 2.39 10.09 -22.77
N SER A 329 2.66 10.52 -24.00
CA SER A 329 3.90 11.21 -24.34
C SER A 329 3.95 12.58 -23.64
N PHE A 330 5.16 13.13 -23.48
CA PHE A 330 5.29 14.50 -22.91
C PHE A 330 4.79 15.61 -23.82
N ARG A 331 4.74 15.38 -25.14
CA ARG A 331 4.08 16.30 -26.06
C ARG A 331 2.60 16.46 -25.68
N THR A 332 1.94 15.35 -25.39
CA THR A 332 0.55 15.34 -24.93
C THR A 332 0.40 15.93 -23.53
N ILE A 333 1.32 15.61 -22.62
CA ILE A 333 1.26 16.13 -21.24
C ILE A 333 1.36 17.67 -21.23
N LEU A 334 2.37 18.19 -21.93
CA LEU A 334 2.59 19.65 -22.02
C LEU A 334 1.39 20.37 -22.65
N ARG A 335 0.90 19.82 -23.76
CA ARG A 335 -0.32 20.31 -24.43
C ARG A 335 -1.54 20.43 -23.49
N ASP A 336 -1.81 19.36 -22.73
CA ASP A 336 -2.93 19.35 -21.80
C ASP A 336 -2.75 20.33 -20.62
N LEU A 337 -1.53 20.46 -20.11
CA LEU A 337 -1.23 21.39 -19.02
C LEU A 337 -1.36 22.86 -19.40
N THR A 338 -0.96 23.22 -20.63
CA THR A 338 -1.01 24.63 -21.07
C THR A 338 -2.45 25.15 -21.21
N ARG A 339 -3.43 24.25 -21.30
CA ARG A 339 -4.85 24.62 -21.29
C ARG A 339 -5.67 23.65 -20.44
N LEU B 50 3.63 -16.11 22.95
CA LEU B 50 4.71 -17.13 22.78
C LEU B 50 4.19 -18.57 22.69
N SER B 51 3.12 -18.88 23.42
CA SER B 51 2.65 -20.26 23.55
C SER B 51 1.83 -20.73 22.36
N PHE B 52 2.46 -21.52 21.50
CA PHE B 52 1.79 -22.23 20.42
C PHE B 52 2.61 -23.48 20.07
N HIS B 53 1.98 -24.45 19.44
CA HIS B 53 2.61 -25.71 19.11
C HIS B 53 3.51 -25.56 17.88
N ARG B 54 4.74 -26.06 17.99
CA ARG B 54 5.68 -26.10 16.88
C ARG B 54 5.54 -27.46 16.19
N VAL B 55 5.06 -27.47 14.95
CA VAL B 55 4.96 -28.72 14.17
C VAL B 55 6.14 -28.75 13.20
N ASP B 56 6.82 -29.90 13.13
CA ASP B 56 7.99 -30.08 12.27
C ASP B 56 7.54 -30.43 10.85
N GLN B 57 8.38 -30.06 9.87
CA GLN B 57 8.05 -30.24 8.46
C GLN B 57 7.89 -31.69 7.99
N LYS B 58 8.49 -32.65 8.70
CA LYS B 58 8.31 -34.08 8.37
C LYS B 58 6.91 -34.62 8.76
N GLU B 59 6.25 -33.94 9.69
CA GLU B 59 4.89 -34.30 10.09
C GLU B 59 3.79 -33.85 9.12
N ILE B 60 4.08 -32.93 8.18
CA ILE B 60 3.06 -32.43 7.23
C ILE B 60 3.28 -32.87 5.77
N THR B 61 2.19 -33.12 5.06
CA THR B 61 2.21 -33.24 3.60
C THR B 61 1.26 -32.23 2.97
N GLN B 62 1.73 -31.57 1.91
CA GLN B 62 1.01 -30.52 1.23
C GLN B 62 0.36 -31.09 -0.05
N LEU B 63 -0.94 -30.87 -0.21
CA LEU B 63 -1.68 -31.33 -1.38
C LEU B 63 -2.17 -30.11 -2.18
N SER B 64 -3.40 -30.13 -2.69
CA SER B 64 -3.86 -29.13 -3.68
C SER B 64 -4.01 -27.70 -3.14
N HIS B 65 -3.73 -26.72 -4.00
CA HIS B 65 -3.94 -25.29 -3.74
C HIS B 65 -5.43 -24.99 -3.74
N LEU B 66 -5.92 -24.40 -2.64
CA LEU B 66 -7.33 -24.03 -2.47
C LEU B 66 -7.64 -22.57 -2.82
N GLY B 67 -6.69 -21.67 -2.59
CA GLY B 67 -6.90 -20.25 -2.82
C GLY B 67 -5.86 -19.37 -2.13
N GLN B 68 -6.15 -18.08 -2.14
CA GLN B 68 -5.28 -17.07 -1.56
C GLN B 68 -6.00 -16.33 -0.44
N GLY B 69 -5.39 -16.28 0.74
CA GLY B 69 -5.90 -15.46 1.84
C GLY B 69 -5.14 -14.15 1.89
N THR B 70 -5.35 -13.39 2.96
CA THR B 70 -4.61 -12.13 3.14
C THR B 70 -3.13 -12.47 3.41
N ARG B 71 -2.32 -12.25 2.37
CA ARG B 71 -0.89 -12.54 2.37
C ARG B 71 -0.53 -14.00 2.60
N THR B 72 -1.39 -14.91 2.12
CA THR B 72 -1.18 -16.35 2.26
C THR B 72 -1.55 -17.09 0.98
N ASN B 73 -0.93 -18.25 0.80
CA ASN B 73 -1.41 -19.28 -0.11
C ASN B 73 -1.89 -20.47 0.73
N VAL B 74 -3.12 -20.92 0.48
CA VAL B 74 -3.80 -21.91 1.30
C VAL B 74 -3.92 -23.24 0.54
N TYR B 75 -3.38 -24.32 1.13
CA TYR B 75 -3.40 -25.67 0.53
C TYR B 75 -4.10 -26.68 1.46
N GLU B 76 -4.75 -27.69 0.87
CA GLU B 76 -5.18 -28.87 1.63
C GLU B 76 -3.93 -29.65 2.04
N GLY B 77 -3.98 -30.33 3.19
CA GLY B 77 -2.84 -31.14 3.66
C GLY B 77 -3.22 -32.24 4.62
N ARG B 78 -2.19 -32.90 5.17
CA ARG B 78 -2.31 -33.90 6.25
C ARG B 78 -1.28 -33.63 7.35
N LEU B 79 -1.61 -34.01 8.59
CA LEU B 79 -0.75 -33.81 9.77
C LEU B 79 -0.59 -35.17 10.46
N ARG B 80 0.65 -35.67 10.53
CA ARG B 80 0.94 -37.01 11.10
C ARG B 80 0.95 -36.93 12.63
N GLU B 107 -3.82 -39.92 11.35
CA GLU B 107 -3.63 -38.81 10.42
C GLU B 107 -4.79 -37.80 10.50
N LEU B 108 -4.46 -36.51 10.55
CA LEU B 108 -5.47 -35.44 10.61
C LEU B 108 -5.58 -34.73 9.27
N ARG B 109 -6.80 -34.40 8.87
CA ARG B 109 -7.03 -33.62 7.66
C ARG B 109 -6.94 -32.14 8.02
N VAL B 110 -6.08 -31.40 7.32
CA VAL B 110 -5.78 -30.02 7.67
C VAL B 110 -5.72 -29.08 6.46
N VAL B 111 -5.70 -27.79 6.79
CA VAL B 111 -5.43 -26.73 5.84
C VAL B 111 -4.06 -26.15 6.23
N LEU B 112 -3.26 -25.82 5.20
CA LEU B 112 -1.92 -25.23 5.38
C LEU B 112 -1.91 -23.81 4.82
N LYS B 113 -1.69 -22.83 5.70
CA LYS B 113 -1.69 -21.42 5.30
C LYS B 113 -0.26 -20.90 5.26
N VAL B 114 0.30 -20.87 4.05
CA VAL B 114 1.70 -20.47 3.83
C VAL B 114 1.81 -18.95 3.73
N LEU B 115 2.44 -18.34 4.73
CA LEU B 115 2.64 -16.89 4.73
C LEU B 115 3.65 -16.48 3.63
N ASP B 116 3.36 -15.39 2.92
CA ASP B 116 4.30 -14.80 1.96
C ASP B 116 5.58 -14.36 2.67
N PRO B 117 6.74 -14.35 1.97
CA PRO B 117 7.90 -13.70 2.60
C PRO B 117 7.53 -12.26 2.98
N SER B 118 7.77 -11.92 4.23
CA SER B 118 7.16 -10.75 4.85
C SER B 118 8.04 -10.17 5.94
N HIS B 119 7.79 -8.91 6.27
CA HIS B 119 8.52 -8.26 7.35
C HIS B 119 8.10 -8.84 8.70
N HIS B 120 9.05 -8.88 9.63
CA HIS B 120 8.86 -9.31 11.02
C HIS B 120 7.50 -8.97 11.66
N ASP B 121 7.00 -7.76 11.42
CA ASP B 121 5.70 -7.31 11.99
C ASP B 121 4.47 -8.05 11.45
N ILE B 122 4.56 -8.52 10.21
CA ILE B 122 3.50 -9.33 9.60
C ILE B 122 3.57 -10.73 10.23
N ALA B 123 4.74 -11.35 10.18
CA ALA B 123 4.92 -12.70 10.72
C ALA B 123 4.56 -12.72 12.19
N LEU B 124 4.97 -11.70 12.92
CA LEU B 124 4.62 -11.59 14.34
C LEU B 124 3.10 -11.63 14.56
N ALA B 125 2.37 -10.89 13.74
CA ALA B 125 0.89 -10.87 13.80
C ALA B 125 0.27 -12.23 13.43
N PHE B 126 0.91 -12.95 12.52
CA PHE B 126 0.55 -14.33 12.17
C PHE B 126 0.70 -15.25 13.39
N TYR B 127 1.86 -15.16 14.05
CA TYR B 127 2.13 -15.95 15.27
C TYR B 127 1.18 -15.64 16.44
N GLU B 128 0.79 -14.37 16.59
CA GLU B 128 -0.15 -13.99 17.65
C GLU B 128 -1.55 -14.62 17.45
N THR B 129 -2.04 -14.63 16.21
CA THR B 129 -3.29 -15.34 15.90
C THR B 129 -3.23 -16.81 16.30
N ALA B 130 -2.16 -17.50 15.90
CA ALA B 130 -1.97 -18.92 16.22
C ALA B 130 -1.99 -19.16 17.71
N SER B 131 -1.30 -18.27 18.44
CA SER B 131 -1.21 -18.34 19.90
C SER B 131 -2.55 -18.11 20.59
N LEU B 132 -3.21 -17.01 20.25
CA LEU B 132 -4.52 -16.68 20.84
C LEU B 132 -5.58 -17.76 20.52
N MET B 133 -5.59 -18.24 19.27
CA MET B 133 -6.53 -19.29 18.86
C MET B 133 -6.27 -20.66 19.45
N SER B 134 -5.00 -21.00 19.68
CA SER B 134 -4.67 -22.31 20.25
C SER B 134 -5.07 -22.45 21.74
N GLN B 135 -5.37 -21.34 22.42
CA GLN B 135 -5.76 -21.35 23.84
C GLN B 135 -7.27 -21.15 24.12
N VAL B 136 -8.11 -21.24 23.08
CA VAL B 136 -9.56 -21.17 23.25
C VAL B 136 -10.21 -22.43 22.67
N SER B 137 -11.41 -22.75 23.17
CA SER B 137 -12.18 -23.90 22.71
C SER B 137 -13.65 -23.53 22.57
N HIS B 138 -14.28 -23.96 21.49
CA HIS B 138 -15.71 -23.81 21.28
C HIS B 138 -16.16 -24.82 20.21
N THR B 139 -17.40 -25.30 20.29
CA THR B 139 -17.99 -26.17 19.26
C THR B 139 -18.01 -25.56 17.86
N HIS B 140 -17.98 -24.22 17.78
CA HIS B 140 -18.18 -23.45 16.56
C HIS B 140 -16.97 -22.55 16.25
N LEU B 141 -15.81 -22.85 16.85
CA LEU B 141 -14.51 -22.33 16.41
C LEU B 141 -13.69 -23.49 15.84
N ALA B 142 -13.12 -23.28 14.66
CA ALA B 142 -12.26 -24.28 14.01
C ALA B 142 -10.89 -24.32 14.70
N PHE B 143 -10.26 -25.50 14.72
CA PHE B 143 -9.04 -25.71 15.51
C PHE B 143 -7.84 -25.06 14.84
N VAL B 144 -6.85 -24.65 15.65
CA VAL B 144 -5.51 -24.35 15.16
C VAL B 144 -4.57 -25.38 15.80
N HIS B 145 -3.86 -26.15 14.97
CA HIS B 145 -2.96 -27.20 15.44
C HIS B 145 -1.54 -26.71 15.76
N GLY B 146 -1.12 -25.60 15.15
CA GLY B 146 0.22 -25.06 15.36
C GLY B 146 0.78 -24.29 14.16
N VAL B 147 2.08 -24.02 14.24
CA VAL B 147 2.83 -23.35 13.17
C VAL B 147 4.07 -24.18 12.83
N CYS B 148 4.36 -24.29 11.53
CA CYS B 148 5.55 -24.96 11.00
C CYS B 148 6.45 -23.96 10.28
N VAL B 149 7.75 -24.01 10.55
CA VAL B 149 8.74 -23.26 9.77
C VAL B 149 9.40 -24.24 8.78
N ARG B 150 9.20 -24.00 7.49
CA ARG B 150 9.71 -24.88 6.43
C ARG B 150 10.69 -24.10 5.56
N GLY B 151 11.95 -24.11 5.97
CA GLY B 151 12.98 -23.27 5.36
C GLY B 151 12.66 -21.82 5.73
N PRO B 152 12.38 -20.96 4.73
CA PRO B 152 11.95 -19.57 5.01
C PRO B 152 10.44 -19.38 5.25
N GLU B 153 9.62 -20.43 5.05
CA GLU B 153 8.16 -20.31 5.05
C GLU B 153 7.53 -20.56 6.42
N ASN B 154 6.74 -19.61 6.90
CA ASN B 154 5.88 -19.79 8.06
C ASN B 154 4.52 -20.33 7.65
N ILE B 155 4.11 -21.44 8.23
CA ILE B 155 2.89 -22.16 7.81
C ILE B 155 2.01 -22.45 9.02
N MET B 156 0.83 -21.83 9.07
CA MET B 156 -0.16 -22.13 10.12
C MET B 156 -0.94 -23.37 9.72
N VAL B 157 -1.03 -24.34 10.63
CA VAL B 157 -1.72 -25.61 10.39
C VAL B 157 -3.04 -25.61 11.17
N THR B 158 -4.15 -25.69 10.43
CA THR B 158 -5.49 -25.53 11.02
C THR B 158 -6.45 -26.61 10.50
N GLU B 159 -7.63 -26.66 11.10
CA GLU B 159 -8.62 -27.69 10.79
C GLU B 159 -9.16 -27.56 9.35
N TYR B 160 -9.23 -28.68 8.62
CA TYR B 160 -10.01 -28.74 7.37
C TYR B 160 -11.46 -29.02 7.71
N VAL B 161 -12.35 -28.06 7.44
CA VAL B 161 -13.78 -28.29 7.64
C VAL B 161 -14.40 -28.72 6.31
N GLU B 162 -15.09 -29.87 6.38
CA GLU B 162 -15.44 -30.71 5.22
C GLU B 162 -15.98 -29.96 3.99
N HIS B 163 -17.00 -29.14 4.15
CA HIS B 163 -17.70 -28.51 3.02
C HIS B 163 -17.24 -27.10 2.66
N GLY B 164 -16.18 -26.62 3.30
CA GLY B 164 -15.54 -25.39 2.90
C GLY B 164 -16.27 -24.10 3.26
N PRO B 165 -15.85 -22.96 2.67
CA PRO B 165 -16.37 -21.61 2.97
C PRO B 165 -17.85 -21.42 2.65
N LEU B 166 -18.56 -20.78 3.58
CA LEU B 166 -20.00 -20.52 3.50
C LEU B 166 -20.39 -19.70 2.27
N ASP B 167 -19.61 -18.66 1.98
CA ASP B 167 -19.95 -17.73 0.90
C ASP B 167 -19.96 -18.43 -0.46
N VAL B 168 -18.95 -19.23 -0.75
CA VAL B 168 -18.88 -19.91 -2.06
C VAL B 168 -19.96 -20.99 -2.17
N TRP B 169 -20.25 -21.67 -1.06
CA TRP B 169 -21.33 -22.66 -1.01
C TRP B 169 -22.70 -22.02 -1.27
N LEU B 170 -22.96 -20.89 -0.60
CA LEU B 170 -24.22 -20.18 -0.81
C LEU B 170 -24.44 -19.72 -2.25
N ARG B 171 -23.40 -19.17 -2.88
CA ARG B 171 -23.51 -18.72 -4.27
C ARG B 171 -23.81 -19.88 -5.21
N ARG B 172 -23.19 -21.05 -4.98
CA ARG B 172 -23.45 -22.25 -5.79
C ARG B 172 -24.89 -22.77 -5.60
N GLU B 173 -25.42 -22.69 -4.37
CA GLU B 173 -26.75 -23.22 -4.03
C GLU B 173 -27.84 -22.14 -3.89
N ARG B 174 -27.67 -20.96 -4.46
CA ARG B 174 -28.63 -19.88 -4.23
C ARG B 174 -30.04 -20.22 -4.72
N GLY B 175 -31.05 -19.68 -4.04
CA GLY B 175 -32.45 -19.93 -4.39
C GLY B 175 -33.17 -21.01 -3.58
N HIS B 176 -32.42 -22.01 -3.10
CA HIS B 176 -33.01 -23.09 -2.29
C HIS B 176 -32.27 -23.32 -0.95
N VAL B 177 -31.93 -22.21 -0.28
CA VAL B 177 -31.45 -22.23 1.10
C VAL B 177 -32.49 -21.42 1.91
N PRO B 178 -33.35 -22.12 2.69
CA PRO B 178 -34.46 -21.43 3.34
C PRO B 178 -34.06 -20.60 4.54
N MET B 179 -35.02 -19.82 5.02
CA MET B 179 -34.80 -18.87 6.10
C MET B 179 -34.40 -19.56 7.40
N ALA B 180 -35.13 -20.62 7.76
CA ALA B 180 -34.87 -21.36 9.00
C ALA B 180 -33.42 -21.86 9.09
N TRP B 181 -32.88 -22.28 7.95
CA TRP B 181 -31.48 -22.71 7.82
C TRP B 181 -30.55 -21.55 8.19
N LYS B 182 -30.81 -20.37 7.61
CA LYS B 182 -30.00 -19.19 7.91
C LYS B 182 -30.10 -18.76 9.37
N MET B 183 -31.26 -18.96 9.99
CA MET B 183 -31.44 -18.64 11.42
C MET B 183 -30.59 -19.53 12.33
N VAL B 184 -30.47 -20.80 11.99
CA VAL B 184 -29.61 -21.72 12.72
C VAL B 184 -28.13 -21.27 12.66
N VAL B 185 -27.59 -20.93 11.49
CA VAL B 185 -26.15 -20.59 11.41
C VAL B 185 -25.85 -19.26 12.14
N ALA B 186 -26.81 -18.33 12.09
CA ALA B 186 -26.72 -17.08 12.82
C ALA B 186 -26.55 -17.32 14.33
N GLN B 187 -27.43 -18.14 14.90
CA GLN B 187 -27.31 -18.53 16.31
C GLN B 187 -25.97 -19.12 16.68
N GLN B 188 -25.53 -20.07 15.86
CA GLN B 188 -24.26 -20.75 16.10
C GLN B 188 -23.10 -19.74 16.03
N LEU B 189 -23.15 -18.82 15.07
CA LEU B 189 -22.11 -17.78 14.97
C LEU B 189 -22.13 -16.84 16.18
N ALA B 190 -23.33 -16.49 16.63
CA ALA B 190 -23.49 -15.62 17.80
C ALA B 190 -23.04 -16.29 19.08
N SER B 191 -23.18 -17.62 19.15
CA SER B 191 -22.75 -18.39 20.33
C SER B 191 -21.23 -18.34 20.50
N ALA B 192 -20.51 -18.63 19.41
CA ALA B 192 -19.04 -18.51 19.38
C ALA B 192 -18.54 -17.11 19.75
N LEU B 193 -19.14 -16.09 19.14
CA LEU B 193 -18.72 -14.71 19.41
C LEU B 193 -19.08 -14.23 20.82
N SER B 194 -20.15 -14.76 21.42
CA SER B 194 -20.46 -14.46 22.83
C SER B 194 -19.42 -15.06 23.76
N TYR B 195 -18.90 -16.23 23.39
CA TYR B 195 -17.79 -16.83 24.15
C TYR B 195 -16.53 -15.95 24.03
N LEU B 196 -16.19 -15.54 22.81
CA LEU B 196 -15.04 -14.64 22.59
C LEU B 196 -15.22 -13.31 23.32
N GLU B 197 -16.45 -12.79 23.35
CA GLU B 197 -16.76 -11.59 24.12
C GLU B 197 -16.50 -11.77 25.61
N ASN B 198 -16.94 -12.90 26.17
CA ASN B 198 -16.69 -13.21 27.59
C ASN B 198 -15.20 -13.29 27.93
N LYS B 199 -14.39 -13.78 26.98
CA LYS B 199 -12.93 -13.85 27.13
C LYS B 199 -12.20 -12.53 26.85
N ASN B 200 -12.93 -11.55 26.34
CA ASN B 200 -12.38 -10.26 25.91
C ASN B 200 -11.30 -10.40 24.83
N LEU B 201 -11.61 -11.24 23.83
CA LEU B 201 -10.70 -11.50 22.72
C LEU B 201 -11.31 -11.05 21.41
N VAL B 202 -10.56 -10.24 20.66
CA VAL B 202 -11.01 -9.70 19.38
C VAL B 202 -10.73 -10.73 18.30
N HIS B 203 -11.67 -10.92 17.38
CA HIS B 203 -11.44 -11.76 16.19
C HIS B 203 -10.91 -10.91 15.03
N GLY B 204 -11.70 -9.94 14.59
CA GLY B 204 -11.26 -8.93 13.63
C GLY B 204 -11.34 -9.26 12.15
N ASN B 205 -12.05 -10.34 11.82
CA ASN B 205 -12.16 -10.83 10.45
C ASN B 205 -13.37 -11.76 10.27
N VAL B 206 -14.49 -11.35 10.84
CA VAL B 206 -15.73 -12.12 10.73
C VAL B 206 -16.37 -11.82 9.35
N CYS B 207 -16.47 -12.86 8.53
CA CYS B 207 -17.02 -12.75 7.17
C CYS B 207 -17.40 -14.14 6.66
N GLY B 208 -18.17 -14.18 5.58
CA GLY B 208 -18.64 -15.45 4.98
C GLY B 208 -17.55 -16.46 4.64
N ARG B 209 -16.44 -15.94 4.13
CA ARG B 209 -15.29 -16.77 3.74
C ARG B 209 -14.60 -17.50 4.89
N ASN B 210 -14.71 -16.97 6.11
CA ASN B 210 -14.15 -17.56 7.32
C ASN B 210 -15.16 -18.37 8.12
N ILE B 211 -16.38 -18.51 7.60
CA ILE B 211 -17.37 -19.41 8.18
C ILE B 211 -17.40 -20.69 7.36
N LEU B 212 -17.17 -21.81 8.03
CA LEU B 212 -16.97 -23.08 7.37
C LEU B 212 -18.13 -24.02 7.66
N LEU B 213 -18.58 -24.77 6.63
CA LEU B 213 -19.67 -25.73 6.79
C LEU B 213 -19.16 -27.14 7.15
N ALA B 214 -19.47 -27.60 8.36
CA ALA B 214 -19.14 -28.97 8.79
C ALA B 214 -20.24 -29.95 8.38
N ARG B 215 -21.49 -29.52 8.49
CA ARG B 215 -22.64 -30.31 8.09
C ARG B 215 -23.59 -29.41 7.28
N LEU B 216 -24.12 -29.94 6.18
CA LEU B 216 -24.93 -29.16 5.23
C LEU B 216 -26.33 -28.81 5.71
N GLY B 217 -26.99 -29.72 6.41
CA GLY B 217 -28.30 -29.44 6.98
C GLY B 217 -29.46 -29.16 6.03
N LEU B 218 -29.37 -29.63 4.79
CA LEU B 218 -30.47 -29.49 3.82
C LEU B 218 -31.35 -30.74 3.76
N ALA B 219 -30.79 -31.91 4.06
CA ALA B 219 -31.57 -33.15 4.12
C ALA B 219 -32.77 -33.04 5.07
N GLU B 220 -33.80 -33.82 4.76
CA GLU B 220 -35.16 -33.58 5.29
C GLU B 220 -35.32 -33.62 6.83
N GLY B 221 -34.40 -34.26 7.55
CA GLY B 221 -34.38 -34.21 9.02
C GLY B 221 -33.07 -33.70 9.63
N THR B 222 -32.33 -32.86 8.91
CA THR B 222 -31.00 -32.37 9.35
C THR B 222 -30.96 -30.86 9.64
N SER B 223 -29.87 -30.44 10.28
CA SER B 223 -29.61 -29.03 10.58
C SER B 223 -28.13 -28.70 10.32
N PRO B 224 -27.85 -27.50 9.79
CA PRO B 224 -26.47 -27.16 9.47
C PRO B 224 -25.57 -27.03 10.71
N PHE B 225 -24.27 -27.18 10.50
CA PHE B 225 -23.29 -26.98 11.54
C PHE B 225 -22.10 -26.20 10.96
N ILE B 226 -21.83 -25.02 11.52
CA ILE B 226 -20.71 -24.16 11.09
C ILE B 226 -19.60 -24.04 12.11
N LYS B 227 -18.41 -23.68 11.61
CA LYS B 227 -17.24 -23.36 12.45
C LYS B 227 -16.60 -22.06 11.96
N LEU B 228 -16.45 -21.09 12.85
CA LEU B 228 -15.69 -19.85 12.56
C LEU B 228 -14.19 -20.15 12.58
N SER B 229 -13.48 -19.76 11.52
CA SER B 229 -12.05 -20.04 11.38
C SER B 229 -11.26 -18.99 12.13
N ASP B 230 -9.96 -19.21 12.33
CA ASP B 230 -9.07 -18.16 12.84
C ASP B 230 -9.04 -16.95 11.90
N PRO B 231 -8.68 -15.76 12.42
CA PRO B 231 -8.67 -14.56 11.55
C PRO B 231 -7.48 -14.39 10.57
N GLY B 232 -6.55 -15.35 10.53
CA GLY B 232 -5.29 -15.18 9.79
C GLY B 232 -4.41 -14.07 10.36
N VAL B 233 -3.76 -13.30 9.49
CA VAL B 233 -2.88 -12.21 9.90
C VAL B 233 -3.72 -11.18 10.67
N GLY B 234 -3.35 -10.87 11.92
CA GLY B 234 -4.11 -9.93 12.74
C GLY B 234 -4.39 -8.59 12.03
N LEU B 235 -5.61 -8.07 12.19
CA LEU B 235 -6.00 -6.81 11.56
C LEU B 235 -4.98 -5.69 11.76
N GLY B 236 -4.43 -5.58 12.98
CA GLY B 236 -3.51 -4.52 13.37
C GLY B 236 -2.30 -4.33 12.47
N ALA B 237 -1.81 -5.41 11.86
CA ALA B 237 -0.64 -5.35 10.96
C ALA B 237 -0.96 -5.01 9.49
N LEU B 238 -2.24 -4.96 9.11
CA LEU B 238 -2.62 -4.80 7.70
C LEU B 238 -2.58 -3.34 7.22
N SER B 239 -2.48 -3.18 5.91
CA SER B 239 -2.33 -1.87 5.29
C SER B 239 -3.67 -1.23 5.08
N ARG B 240 -3.66 0.08 4.84
CA ARG B 240 -4.89 0.81 4.60
C ARG B 240 -5.68 0.28 3.42
N GLU B 241 -4.98 -0.17 2.38
CA GLU B 241 -5.64 -0.66 1.16
C GLU B 241 -6.33 -1.99 1.46
N GLU B 242 -5.68 -2.83 2.27
CA GLU B 242 -6.27 -4.08 2.72
C GLU B 242 -7.51 -3.81 3.58
N ARG B 243 -7.46 -2.78 4.44
CA ARG B 243 -8.63 -2.43 5.25
C ARG B 243 -9.82 -1.94 4.39
N VAL B 244 -9.54 -1.18 3.34
CA VAL B 244 -10.58 -0.73 2.41
C VAL B 244 -11.21 -1.91 1.65
N GLU B 245 -10.39 -2.86 1.19
CA GLU B 245 -10.88 -4.10 0.56
C GLU B 245 -11.83 -4.92 1.48
N ARG B 246 -11.66 -4.79 2.80
CA ARG B 246 -12.47 -5.50 3.79
C ARG B 246 -13.81 -4.79 4.13
N ILE B 247 -14.11 -3.68 3.46
CA ILE B 247 -15.43 -3.01 3.58
C ILE B 247 -16.46 -3.87 2.82
N PRO B 248 -17.65 -4.15 3.37
CA PRO B 248 -18.20 -3.58 4.61
C PRO B 248 -18.11 -4.50 5.86
N TRP B 249 -17.27 -5.54 5.82
CA TRP B 249 -17.03 -6.36 7.01
C TRP B 249 -16.25 -5.58 8.09
N LEU B 250 -15.28 -4.79 7.65
CA LEU B 250 -14.47 -3.93 8.53
C LEU B 250 -15.31 -2.88 9.27
N ALA B 251 -15.16 -2.77 10.59
CA ALA B 251 -15.90 -1.73 11.33
C ALA B 251 -15.33 -0.35 10.97
N PRO B 252 -16.17 0.68 10.84
CA PRO B 252 -15.69 2.00 10.41
C PRO B 252 -14.64 2.63 11.32
N GLU B 253 -14.73 2.36 12.63
CA GLU B 253 -13.71 2.85 13.57
C GLU B 253 -12.31 2.27 13.33
N CYS B 254 -12.18 1.23 12.50
CA CYS B 254 -10.90 0.62 12.18
C CYS B 254 -10.26 1.11 10.87
N LEU B 255 -10.95 1.97 10.12
CA LEU B 255 -10.40 2.50 8.85
C LEU B 255 -9.19 3.43 9.06
N PRO B 256 -9.25 4.35 10.04
CA PRO B 256 -8.06 5.22 10.24
C PRO B 256 -6.80 4.49 10.73
N LEU B 262 -7.34 -2.25 19.42
CA LEU B 262 -8.51 -2.95 18.89
C LEU B 262 -9.52 -3.21 20.00
N SER B 263 -10.81 -3.22 19.66
CA SER B 263 -11.87 -3.52 20.61
C SER B 263 -12.82 -4.63 20.15
N THR B 264 -13.38 -5.35 21.13
CA THR B 264 -14.41 -6.37 20.90
C THR B 264 -15.63 -5.85 20.12
N ALA B 265 -15.92 -4.55 20.28
CA ALA B 265 -17.01 -3.90 19.55
C ALA B 265 -17.00 -4.07 18.03
N MET B 266 -15.81 -4.20 17.44
CA MET B 266 -15.69 -4.34 15.98
C MET B 266 -16.35 -5.58 15.41
N ASP B 267 -16.36 -6.67 16.18
CA ASP B 267 -16.92 -7.93 15.72
C ASP B 267 -18.46 -7.94 15.72
N LYS B 268 -19.09 -7.02 16.44
CA LYS B 268 -20.54 -6.80 16.29
C LYS B 268 -20.87 -6.31 14.88
N TRP B 269 -20.09 -5.35 14.38
CA TRP B 269 -20.27 -4.84 13.02
C TRP B 269 -20.00 -5.96 12.01
N GLY B 270 -18.88 -6.68 12.20
CA GLY B 270 -18.54 -7.80 11.33
C GLY B 270 -19.62 -8.85 11.25
N PHE B 271 -20.27 -9.10 12.39
CA PHE B 271 -21.38 -10.04 12.48
C PHE B 271 -22.59 -9.55 11.66
N GLY B 272 -22.95 -8.28 11.81
CA GLY B 272 -24.10 -7.70 11.08
C GLY B 272 -23.90 -7.78 9.58
N ALA B 273 -22.69 -7.43 9.15
CA ALA B 273 -22.27 -7.50 7.75
C ALA B 273 -22.33 -8.91 7.16
N THR B 274 -21.88 -9.88 7.95
CA THR B 274 -21.93 -11.28 7.60
C THR B 274 -23.39 -11.77 7.52
N LEU B 275 -24.23 -11.29 8.42
CA LEU B 275 -25.67 -11.57 8.38
C LEU B 275 -26.31 -11.10 7.06
N LEU B 276 -25.95 -9.91 6.57
CA LEU B 276 -26.44 -9.41 5.28
C LEU B 276 -25.95 -10.30 4.13
N GLU B 277 -24.65 -10.60 4.15
CA GLU B 277 -24.02 -11.52 3.20
C GLU B 277 -24.78 -12.87 3.07
N ILE B 278 -25.11 -13.45 4.22
CA ILE B 278 -25.87 -14.71 4.28
C ILE B 278 -27.28 -14.54 3.70
N CYS B 279 -27.99 -13.52 4.16
CA CYS B 279 -29.30 -13.17 3.62
C CYS B 279 -29.33 -12.95 2.11
N PHE B 280 -28.26 -12.38 1.53
CA PHE B 280 -28.14 -12.21 0.07
C PHE B 280 -27.40 -13.38 -0.64
N ASP B 281 -27.46 -14.59 -0.06
CA ASP B 281 -26.88 -15.81 -0.67
C ASP B 281 -25.42 -15.65 -1.09
N GLY B 282 -24.63 -15.11 -0.19
CA GLY B 282 -23.20 -14.95 -0.41
C GLY B 282 -22.75 -13.79 -1.27
N GLU B 283 -23.64 -12.87 -1.62
CA GLU B 283 -23.25 -11.61 -2.28
C GLU B 283 -23.24 -10.53 -1.20
N ALA B 284 -22.06 -10.00 -0.89
CA ALA B 284 -21.97 -8.93 0.12
C ALA B 284 -22.32 -7.59 -0.53
N PRO B 285 -22.96 -6.68 0.23
CA PRO B 285 -23.21 -5.36 -0.35
C PRO B 285 -21.90 -4.62 -0.64
N LEU B 286 -21.94 -3.73 -1.62
CA LEU B 286 -20.78 -2.92 -2.03
C LEU B 286 -19.65 -3.65 -2.79
N GLN B 287 -19.82 -4.95 -3.08
CA GLN B 287 -18.71 -5.76 -3.60
C GLN B 287 -18.22 -5.35 -5.00
N SER B 288 -19.10 -4.81 -5.84
CA SER B 288 -18.71 -4.38 -7.19
C SER B 288 -18.28 -2.90 -7.29
N ARG B 289 -18.06 -2.24 -6.15
CA ARG B 289 -17.63 -0.84 -6.15
C ARG B 289 -16.12 -0.74 -5.98
N SER B 290 -15.54 0.32 -6.53
CA SER B 290 -14.11 0.58 -6.43
C SER B 290 -13.70 0.89 -4.98
N PRO B 291 -12.38 0.86 -4.69
CA PRO B 291 -11.92 1.22 -3.34
C PRO B 291 -12.30 2.64 -2.90
N SER B 292 -12.16 3.63 -3.77
CA SER B 292 -12.55 5.01 -3.43
C SER B 292 -14.06 5.15 -3.18
N GLU B 293 -14.87 4.42 -3.95
CA GLU B 293 -16.32 4.33 -3.71
C GLU B 293 -16.68 3.69 -2.35
N LYS B 294 -15.97 2.63 -1.97
CA LYS B 294 -16.18 1.99 -0.65
C LYS B 294 -15.83 2.95 0.50
N GLU B 295 -14.70 3.63 0.36
CA GLU B 295 -14.26 4.63 1.33
C GLU B 295 -15.19 5.85 1.43
N HIS B 296 -15.71 6.30 0.28
CA HIS B 296 -16.71 7.38 0.23
C HIS B 296 -17.94 7.03 1.07
N PHE B 297 -18.38 5.78 0.96
CA PHE B 297 -19.55 5.27 1.69
C PHE B 297 -19.37 5.40 3.21
N TYR B 298 -18.21 4.99 3.69
CA TYR B 298 -17.85 5.14 5.12
C TYR B 298 -17.62 6.60 5.53
N GLN B 299 -16.95 7.39 4.69
CA GLN B 299 -16.71 8.82 4.99
C GLN B 299 -18.00 9.61 5.18
N ARG B 300 -19.03 9.27 4.40
CA ARG B 300 -20.35 9.91 4.54
C ARG B 300 -21.26 9.24 5.58
N GLN B 301 -20.78 8.14 6.18
CA GLN B 301 -21.54 7.35 7.16
C GLN B 301 -22.92 6.90 6.66
N HIS B 302 -22.93 6.37 5.43
CA HIS B 302 -24.17 5.96 4.76
C HIS B 302 -24.63 4.65 5.36
N ARG B 303 -25.95 4.48 5.49
CA ARG B 303 -26.52 3.29 6.13
C ARG B 303 -26.53 2.10 5.17
N LEU B 304 -26.16 0.93 5.67
CA LEU B 304 -26.14 -0.29 4.87
C LEU B 304 -27.57 -0.80 4.66
N PRO B 305 -27.80 -1.61 3.60
CA PRO B 305 -29.16 -2.08 3.31
C PRO B 305 -29.75 -2.95 4.41
N GLU B 306 -31.07 -3.03 4.43
CA GLU B 306 -31.79 -3.95 5.31
C GLU B 306 -31.83 -5.33 4.66
N PRO B 307 -31.81 -6.41 5.47
CA PRO B 307 -31.77 -7.76 4.92
C PRO B 307 -33.09 -8.22 4.27
N SER B 308 -32.97 -9.08 3.25
CA SER B 308 -34.12 -9.74 2.62
C SER B 308 -34.94 -10.56 3.62
N CYS B 309 -34.22 -11.20 4.54
CA CYS B 309 -34.75 -11.93 5.70
C CYS B 309 -35.77 -11.07 6.55
N PRO B 310 -36.49 -11.67 7.54
CA PRO B 310 -37.71 -11.00 8.07
C PRO B 310 -37.50 -9.71 8.90
N GLN B 311 -37.58 -9.75 10.23
CA GLN B 311 -37.42 -8.54 11.09
C GLN B 311 -36.14 -8.59 11.94
N LEU B 312 -35.22 -9.49 11.59
CA LEU B 312 -33.82 -9.36 12.05
C LEU B 312 -33.11 -8.15 11.40
N ALA B 313 -33.81 -7.46 10.49
CA ALA B 313 -33.47 -6.09 10.10
C ALA B 313 -33.28 -5.17 11.30
N THR B 314 -34.05 -5.39 12.37
CA THR B 314 -33.83 -4.71 13.65
C THR B 314 -32.42 -5.00 14.17
N LEU B 315 -32.11 -6.29 14.31
CA LEU B 315 -30.82 -6.74 14.81
C LEU B 315 -29.65 -6.28 13.92
N THR B 316 -29.80 -6.40 12.61
CA THR B 316 -28.77 -5.99 11.65
C THR B 316 -28.45 -4.49 11.75
N SER B 317 -29.48 -3.66 11.83
CA SER B 317 -29.30 -2.21 11.97
C SER B 317 -28.71 -1.79 13.32
N GLN B 318 -29.00 -2.56 14.38
CA GLN B 318 -28.38 -2.33 15.68
C GLN B 318 -26.87 -2.63 15.62
N CYS B 319 -26.51 -3.75 15.00
CA CYS B 319 -25.10 -4.14 14.83
C CYS B 319 -24.34 -3.16 13.92
N LEU B 320 -24.96 -2.70 12.84
CA LEU B 320 -24.33 -1.81 11.86
C LEU B 320 -24.61 -0.32 12.17
N THR B 321 -24.34 0.06 13.41
CA THR B 321 -24.42 1.44 13.86
C THR B 321 -23.00 1.97 13.94
N TYR B 322 -22.76 3.15 13.39
CA TYR B 322 -21.40 3.70 13.27
C TYR B 322 -20.71 3.99 14.62
N GLU B 323 -21.48 4.32 15.66
CA GLU B 323 -20.93 4.55 17.00
C GLU B 323 -20.79 3.20 17.70
N PRO B 324 -19.54 2.74 17.97
CA PRO B 324 -19.37 1.37 18.51
C PRO B 324 -20.11 1.09 19.81
N THR B 325 -20.09 2.08 20.71
CA THR B 325 -20.83 2.07 21.99
C THR B 325 -22.30 1.65 21.94
N GLN B 326 -22.98 1.96 20.83
CA GLN B 326 -24.41 1.66 20.71
C GLN B 326 -24.74 0.26 20.14
N ARG B 327 -23.74 -0.56 19.80
CA ARG B 327 -24.01 -1.91 19.33
C ARG B 327 -24.30 -2.82 20.54
N PRO B 328 -25.27 -3.76 20.42
CA PRO B 328 -25.64 -4.61 21.55
C PRO B 328 -24.63 -5.70 21.87
N SER B 329 -24.62 -6.18 23.12
CA SER B 329 -23.74 -7.26 23.53
C SER B 329 -24.12 -8.54 22.77
N PHE B 330 -23.19 -9.48 22.65
CA PHE B 330 -23.53 -10.77 22.04
C PHE B 330 -24.48 -11.61 22.90
N ARG B 331 -24.43 -11.42 24.23
CA ARG B 331 -25.44 -12.01 25.13
C ARG B 331 -26.86 -11.65 24.69
N THR B 332 -27.08 -10.37 24.41
CA THR B 332 -28.37 -9.87 23.91
C THR B 332 -28.68 -10.35 22.49
N ILE B 333 -27.68 -10.31 21.61
CA ILE B 333 -27.81 -10.83 20.22
C ILE B 333 -28.29 -12.29 20.22
N LEU B 334 -27.56 -13.14 20.95
CA LEU B 334 -27.88 -14.58 21.06
C LEU B 334 -29.27 -14.81 21.67
N ARG B 335 -29.57 -14.07 22.73
CA ARG B 335 -30.88 -14.16 23.39
C ARG B 335 -32.04 -13.81 22.45
N ASP B 336 -31.86 -12.77 21.63
CA ASP B 336 -32.87 -12.36 20.65
C ASP B 336 -32.99 -13.34 19.48
N LEU B 337 -31.86 -13.92 19.04
CA LEU B 337 -31.90 -14.96 17.99
C LEU B 337 -32.58 -16.27 18.45
N THR B 338 -32.35 -16.68 19.69
CA THR B 338 -32.99 -17.90 20.23
C THR B 338 -34.51 -17.78 20.37
N ARG B 339 -35.03 -16.56 20.50
CA ARG B 339 -36.48 -16.31 20.49
C ARG B 339 -37.18 -16.49 19.13
N LEU B 340 -36.42 -16.67 18.04
CA LEU B 340 -37.01 -16.83 16.70
C LEU B 340 -37.03 -18.31 16.28
#